data_8PNY
#
_entry.id   8PNY
#
_cell.length_a   104.644
_cell.length_b   104.644
_cell.length_c   51.541
_cell.angle_alpha   90.00
_cell.angle_beta   90.00
_cell.angle_gamma   120.00
#
_symmetry.space_group_name_H-M   'P 31 2 1'
#
loop_
_entity.id
_entity.type
_entity.pdbx_description
1 polymer 'Branched-chain amino acid aminotransferase/4-amino-4-deoxychorismate lyase'
2 non-polymer '[6-methyl-5-oxidanyl-4-[(2-phenylhydrazinyl)methyl]pyridin-3-yl]methyl dihydrogen phosphate'
3 water water
#
_entity_poly.entity_id   1
_entity_poly.type   'polypeptide(L)'
_entity_poly.pdbx_seq_one_letter_code
;MNEQRSVAVWRDGAAVTVPAHQPVVTAFDLGLGRGDGIFESVAVVAGRTPHLAAHLTRLTRSAALLGLPAPGDQAWMEMV
AAVLADWPAALEGVCRLFLTRGLGDGTPPTALALLAPVPADTLRQRAEGISVATLGLGVPADFRAGAPWLLGGAKTLSYA
VNMAAQRHAHDLGADDVVFTSLEGRLLEGPTSTVVWAAGGTLHTPPVETGILPGTTQARLFTAAAADGWPTSVTPGTVDD
LHAADAVWLLSGVRGAAVVHTVDGVRRGDGDLSRRVRELLA
;
_entity_poly.pdbx_strand_id   A
#
# COMPACT_ATOMS: atom_id res chain seq x y z
N GLN A 4 17.30 -13.86 0.12
CA GLN A 4 17.10 -14.28 -1.26
C GLN A 4 15.82 -13.62 -1.81
N ARG A 5 15.61 -13.80 -3.10
CA ARG A 5 14.55 -13.14 -3.88
C ARG A 5 14.08 -14.20 -4.85
N SER A 6 12.85 -14.14 -5.31
CA SER A 6 12.50 -15.05 -6.42
C SER A 6 11.42 -14.40 -7.27
N VAL A 7 11.34 -14.84 -8.51
CA VAL A 7 10.58 -14.15 -9.59
C VAL A 7 9.94 -15.24 -10.42
N ALA A 8 8.73 -14.95 -10.88
CA ALA A 8 8.05 -15.75 -11.91
C ALA A 8 7.41 -14.81 -12.92
N VAL A 9 7.53 -15.19 -14.18
CA VAL A 9 6.94 -14.50 -15.35
C VAL A 9 5.85 -15.42 -15.91
N TRP A 10 4.76 -14.82 -16.36
CA TRP A 10 3.65 -15.48 -17.08
C TRP A 10 4.03 -15.57 -18.55
N ARG A 11 4.38 -16.77 -19.00
CA ARG A 11 4.77 -17.08 -20.41
C ARG A 11 3.90 -18.24 -20.93
N ASP A 12 3.14 -17.98 -22.01
CA ASP A 12 2.33 -18.98 -22.74
C ASP A 12 1.45 -19.71 -21.71
N GLY A 13 0.62 -18.93 -21.03
CA GLY A 13 -0.37 -19.39 -20.04
C GLY A 13 0.21 -20.23 -18.91
N ALA A 14 1.47 -20.04 -18.51
CA ALA A 14 2.13 -20.75 -17.38
C ALA A 14 3.03 -19.80 -16.57
N ALA A 15 3.12 -20.03 -15.25
CA ALA A 15 4.08 -19.34 -14.35
C ALA A 15 5.48 -19.94 -14.52
N VAL A 16 6.45 -19.15 -14.94
CA VAL A 16 7.85 -19.62 -15.17
C VAL A 16 8.74 -18.90 -14.17
N THR A 17 9.37 -19.71 -13.34
CA THR A 17 10.40 -19.32 -12.37
C THR A 17 11.66 -18.90 -13.13
N VAL A 18 12.27 -17.78 -12.72
CA VAL A 18 13.56 -17.31 -13.29
C VAL A 18 14.42 -16.77 -12.15
N PRO A 19 15.75 -16.80 -12.31
CA PRO A 19 16.65 -16.27 -11.29
C PRO A 19 16.38 -14.78 -11.08
N ALA A 20 16.39 -14.32 -9.83
CA ALA A 20 15.97 -12.96 -9.43
C ALA A 20 16.84 -11.90 -10.15
N HIS A 21 18.12 -12.17 -10.37
CA HIS A 21 19.07 -11.27 -11.06
C HIS A 21 18.89 -11.33 -12.59
N GLN A 22 18.01 -12.18 -13.13
CA GLN A 22 17.83 -12.32 -14.60
C GLN A 22 16.90 -11.22 -15.11
N PRO A 23 17.30 -10.49 -16.17
CA PRO A 23 16.43 -9.47 -16.76
C PRO A 23 15.14 -10.12 -17.27
N VAL A 24 14.02 -9.45 -17.07
CA VAL A 24 12.69 -10.04 -17.44
C VAL A 24 11.89 -9.05 -18.27
N VAL A 25 12.28 -7.79 -18.29
CA VAL A 25 11.52 -6.75 -19.02
C VAL A 25 12.45 -6.08 -20.06
N THR A 26 11.95 -5.92 -21.29
CA THR A 26 12.73 -5.27 -22.38
C THR A 26 12.64 -3.75 -22.22
N ALA A 27 13.46 -3.05 -22.99
CA ALA A 27 13.59 -1.58 -22.94
C ALA A 27 12.25 -0.94 -23.31
N PHE A 28 11.43 -1.58 -24.14
CA PHE A 28 10.20 -0.97 -24.68
C PHE A 28 8.97 -1.27 -23.81
N ASP A 29 9.13 -2.00 -22.71
CA ASP A 29 7.98 -2.26 -21.80
C ASP A 29 7.46 -0.92 -21.27
N LEU A 30 6.16 -0.67 -21.42
CA LEU A 30 5.55 0.61 -21.03
C LEU A 30 5.50 0.71 -19.50
N GLY A 31 5.67 -0.39 -18.77
CA GLY A 31 5.76 -0.33 -17.31
C GLY A 31 7.09 0.27 -16.90
N LEU A 32 8.16 -0.01 -17.66
CA LEU A 32 9.46 0.68 -17.45
C LEU A 32 9.44 2.14 -17.94
N GLY A 33 9.21 2.36 -19.23
CA GLY A 33 9.40 3.68 -19.86
C GLY A 33 8.37 4.69 -19.44
N ARG A 34 7.14 4.27 -19.10
CA ARG A 34 6.03 5.21 -18.83
CA ARG A 34 6.04 5.22 -18.83
C ARG A 34 5.41 4.96 -17.46
N GLY A 35 5.83 3.93 -16.72
CA GLY A 35 5.15 3.58 -15.44
C GLY A 35 3.69 3.22 -15.65
N ASP A 36 3.38 2.64 -16.80
CA ASP A 36 2.01 2.34 -17.27
C ASP A 36 1.66 0.90 -16.92
N GLY A 37 1.28 0.69 -15.66
CA GLY A 37 0.97 -0.64 -15.13
C GLY A 37 0.52 -0.48 -13.71
N ILE A 38 0.16 -1.60 -13.08
CA ILE A 38 -0.37 -1.60 -11.69
C ILE A 38 0.40 -2.61 -10.84
N PHE A 39 0.32 -2.47 -9.53
CA PHE A 39 0.88 -3.52 -8.66
C PHE A 39 0.00 -3.75 -7.44
N GLU A 40 0.29 -4.86 -6.78
CA GLU A 40 -0.20 -5.21 -5.42
C GLU A 40 0.97 -5.83 -4.68
N SER A 41 1.07 -5.55 -3.39
CA SER A 41 2.12 -6.06 -2.49
C SER A 41 1.44 -7.01 -1.49
N VAL A 42 1.81 -8.28 -1.53
CA VAL A 42 1.09 -9.37 -0.81
C VAL A 42 2.04 -9.88 0.29
N ALA A 43 1.62 -9.79 1.53
CA ALA A 43 2.43 -10.23 2.69
C ALA A 43 2.57 -11.74 2.61
N VAL A 44 3.78 -12.24 2.79
CA VAL A 44 4.03 -13.69 2.93
C VAL A 44 4.45 -13.94 4.39
N VAL A 45 3.62 -14.68 5.11
CA VAL A 45 3.78 -14.97 6.57
C VAL A 45 3.77 -16.49 6.75
N ALA A 46 4.84 -17.03 7.29
CA ALA A 46 4.98 -18.49 7.50
C ALA A 46 4.62 -19.22 6.20
N GLY A 47 5.18 -18.75 5.09
CA GLY A 47 5.15 -19.40 3.78
C GLY A 47 3.79 -19.31 3.17
N ARG A 48 2.85 -18.56 3.75
CA ARG A 48 1.45 -18.44 3.26
C ARG A 48 1.14 -16.96 2.95
N THR A 49 0.08 -16.74 2.19
CA THR A 49 -0.43 -15.41 1.75
C THR A 49 -1.81 -15.26 2.35
N PRO A 50 -1.91 -14.90 3.64
CA PRO A 50 -3.19 -14.86 4.32
C PRO A 50 -4.24 -13.98 3.65
N HIS A 51 -3.86 -12.91 2.96
CA HIS A 51 -4.86 -11.93 2.47
C HIS A 51 -4.79 -11.85 0.96
N LEU A 52 -4.34 -12.91 0.29
CA LEU A 52 -4.11 -12.84 -1.18
C LEU A 52 -5.41 -12.44 -1.88
N ALA A 53 -6.53 -13.11 -1.60
CA ALA A 53 -7.82 -12.85 -2.28
C ALA A 53 -8.16 -11.36 -2.23
N ALA A 54 -8.05 -10.72 -1.06
CA ALA A 54 -8.30 -9.27 -0.88
C ALA A 54 -7.48 -8.45 -1.89
N HIS A 55 -6.20 -8.75 -1.98
CA HIS A 55 -5.25 -8.03 -2.87
C HIS A 55 -5.64 -8.27 -4.32
N LEU A 56 -6.01 -9.50 -4.68
CA LEU A 56 -6.40 -9.80 -6.08
C LEU A 56 -7.65 -9.03 -6.45
N THR A 57 -8.59 -8.79 -5.54
CA THR A 57 -9.77 -7.96 -5.88
C THR A 57 -9.29 -6.52 -6.13
N ARG A 58 -8.29 -6.03 -5.40
CA ARG A 58 -7.86 -4.63 -5.63
C ARG A 58 -7.05 -4.53 -6.94
N LEU A 59 -6.19 -5.51 -7.22
CA LEU A 59 -5.42 -5.62 -8.49
C LEU A 59 -6.41 -5.51 -9.66
N THR A 60 -7.53 -6.24 -9.59
CA THR A 60 -8.62 -6.22 -10.59
C THR A 60 -9.12 -4.79 -10.77
N ARG A 61 -9.42 -4.10 -9.67
CA ARG A 61 -9.97 -2.72 -9.76
C ARG A 61 -8.89 -1.79 -10.33
N SER A 62 -7.64 -1.94 -9.91
CA SER A 62 -6.54 -1.06 -10.43
C SER A 62 -6.42 -1.27 -11.93
N ALA A 63 -6.40 -2.53 -12.35
CA ALA A 63 -6.27 -2.93 -13.76
C ALA A 63 -7.44 -2.29 -14.52
N ALA A 64 -8.64 -2.25 -13.95
CA ALA A 64 -9.82 -1.71 -14.67
C ALA A 64 -9.68 -0.19 -14.84
N LEU A 65 -9.23 0.52 -13.81
CA LEU A 65 -9.01 1.99 -13.88
C LEU A 65 -8.01 2.32 -15.00
N LEU A 66 -7.01 1.48 -15.26
CA LEU A 66 -5.95 1.79 -16.28
C LEU A 66 -6.32 1.14 -17.61
N GLY A 67 -7.48 0.47 -17.67
CA GLY A 67 -7.88 -0.29 -18.87
C GLY A 67 -6.84 -1.31 -19.24
N LEU A 68 -6.22 -1.98 -18.26
CA LEU A 68 -5.26 -3.07 -18.53
C LEU A 68 -5.98 -4.42 -18.58
N PRO A 69 -5.78 -5.26 -19.61
CA PRO A 69 -6.26 -6.64 -19.56
C PRO A 69 -5.51 -7.38 -18.46
N ALA A 70 -6.22 -8.09 -17.61
CA ALA A 70 -5.65 -8.74 -16.42
C ALA A 70 -5.72 -10.24 -16.64
N PRO A 71 -4.70 -11.00 -16.24
CA PRO A 71 -4.71 -12.43 -16.47
C PRO A 71 -5.72 -13.21 -15.62
N GLY A 72 -6.31 -12.64 -14.56
CA GLY A 72 -7.31 -13.41 -13.79
C GLY A 72 -6.70 -14.13 -12.61
N ASP A 73 -7.52 -14.51 -11.65
CA ASP A 73 -7.09 -14.91 -10.27
C ASP A 73 -6.27 -16.21 -10.39
N GLN A 74 -6.78 -17.22 -11.10
CA GLN A 74 -6.10 -18.51 -11.37
C GLN A 74 -4.61 -18.24 -11.62
N ALA A 75 -4.37 -17.42 -12.64
CA ALA A 75 -3.04 -17.03 -13.14
C ALA A 75 -2.18 -16.47 -12.00
N TRP A 76 -2.67 -15.42 -11.33
CA TRP A 76 -1.93 -14.77 -10.22
C TRP A 76 -1.61 -15.80 -9.14
N MET A 77 -2.55 -16.70 -8.80
CA MET A 77 -2.36 -17.67 -7.71
CA MET A 77 -2.31 -17.65 -7.69
C MET A 77 -1.23 -18.63 -8.11
N GLU A 78 -1.18 -18.96 -9.40
CA GLU A 78 -0.11 -19.83 -9.98
C GLU A 78 1.27 -19.14 -9.91
N MET A 79 1.32 -17.84 -10.19
CA MET A 79 2.59 -17.08 -10.08
C MET A 79 2.98 -16.93 -8.61
N VAL A 80 2.01 -16.74 -7.71
CA VAL A 80 2.31 -16.67 -6.26
C VAL A 80 2.87 -18.04 -5.84
N ALA A 81 2.27 -19.14 -6.26
CA ALA A 81 2.75 -20.52 -5.97
C ALA A 81 4.20 -20.71 -6.41
N ALA A 82 4.52 -20.26 -7.61
CA ALA A 82 5.86 -20.36 -8.21
C ALA A 82 6.90 -19.70 -7.30
N VAL A 83 6.67 -18.45 -6.88
CA VAL A 83 7.71 -17.72 -6.12
C VAL A 83 7.80 -18.23 -4.67
N LEU A 84 6.67 -18.74 -4.14
CA LEU A 84 6.60 -19.32 -2.76
C LEU A 84 7.33 -20.67 -2.69
N ALA A 85 7.52 -21.35 -3.81
CA ALA A 85 7.98 -22.77 -3.85
C ALA A 85 9.15 -22.99 -2.88
N ASP A 86 10.22 -22.22 -2.96
CA ASP A 86 11.41 -22.51 -2.12
C ASP A 86 11.51 -21.50 -0.97
N TRP A 87 10.42 -20.85 -0.60
CA TRP A 87 10.51 -19.68 0.30
C TRP A 87 10.48 -20.12 1.77
N PRO A 88 11.45 -19.67 2.60
CA PRO A 88 11.51 -20.09 4.00
C PRO A 88 10.33 -19.59 4.83
N ALA A 89 9.63 -20.52 5.50
CA ALA A 89 8.46 -20.22 6.34
C ALA A 89 8.85 -19.19 7.43
N ALA A 90 10.09 -19.21 7.94
CA ALA A 90 10.51 -18.32 9.04
C ALA A 90 10.71 -16.88 8.57
N LEU A 91 10.75 -16.62 7.25
CA LEU A 91 11.16 -15.29 6.70
C LEU A 91 9.94 -14.57 6.14
N GLU A 92 9.51 -13.50 6.80
CA GLU A 92 8.33 -12.76 6.35
C GLU A 92 8.70 -12.12 4.99
N GLY A 93 7.83 -12.26 3.99
CA GLY A 93 8.12 -11.75 2.64
C GLY A 93 7.14 -10.72 2.15
N VAL A 94 7.51 -10.02 1.08
CA VAL A 94 6.63 -9.15 0.27
C VAL A 94 6.63 -9.73 -1.13
N CYS A 95 5.44 -10.14 -1.57
CA CYS A 95 5.23 -10.70 -2.91
C CYS A 95 4.55 -9.61 -3.70
N ARG A 96 5.26 -8.99 -4.64
CA ARG A 96 4.65 -7.94 -5.48
CA ARG A 96 4.62 -7.94 -5.46
C ARG A 96 4.17 -8.57 -6.78
N LEU A 97 2.97 -8.19 -7.21
CA LEU A 97 2.44 -8.60 -8.51
C LEU A 97 2.45 -7.34 -9.35
N PHE A 98 3.02 -7.42 -10.54
CA PHE A 98 3.12 -6.30 -11.50
C PHE A 98 2.41 -6.70 -12.78
N LEU A 99 1.59 -5.79 -13.27
CA LEU A 99 0.97 -5.93 -14.61
C LEU A 99 1.24 -4.64 -15.36
N THR A 100 1.91 -4.74 -16.50
CA THR A 100 2.26 -3.57 -17.35
C THR A 100 1.50 -3.65 -18.66
N ARG A 101 1.37 -2.51 -19.33
CA ARG A 101 0.69 -2.47 -20.67
C ARG A 101 1.54 -3.19 -21.71
N GLY A 102 2.74 -3.65 -21.36
CA GLY A 102 3.62 -4.38 -22.28
C GLY A 102 4.16 -3.44 -23.35
N LEU A 103 4.28 -3.92 -24.58
CA LEU A 103 4.82 -3.10 -25.70
C LEU A 103 3.70 -2.17 -26.23
N GLY A 104 2.46 -2.34 -25.81
CA GLY A 104 1.30 -1.55 -26.27
C GLY A 104 0.02 -2.39 -26.19
N ASP A 105 -1.16 -1.78 -25.99
CA ASP A 105 -2.43 -2.56 -26.03
C ASP A 105 -2.62 -3.07 -27.46
N GLY A 106 -3.16 -4.27 -27.62
CA GLY A 106 -3.03 -5.12 -28.83
C GLY A 106 -2.06 -6.28 -28.62
N THR A 107 -0.89 -6.00 -28.05
CA THR A 107 0.14 -6.99 -27.65
C THR A 107 -0.09 -7.39 -26.18
N PRO A 108 0.40 -8.57 -25.71
CA PRO A 108 0.09 -9.00 -24.36
C PRO A 108 0.64 -8.08 -23.26
N PRO A 109 -0.12 -7.80 -22.17
CA PRO A 109 0.45 -7.18 -20.96
C PRO A 109 1.49 -8.11 -20.34
N THR A 110 2.44 -7.57 -19.61
CA THR A 110 3.51 -8.32 -18.93
C THR A 110 3.03 -8.53 -17.48
N ALA A 111 3.04 -9.76 -17.01
CA ALA A 111 2.65 -10.09 -15.63
C ALA A 111 3.85 -10.69 -14.93
N LEU A 112 4.19 -10.19 -13.74
CA LEU A 112 5.34 -10.74 -12.96
C LEU A 112 4.89 -10.90 -11.51
N ALA A 113 5.61 -11.76 -10.81
CA ALA A 113 5.56 -11.89 -9.33
C ALA A 113 6.99 -11.88 -8.86
N LEU A 114 7.28 -11.13 -7.80
CA LEU A 114 8.64 -11.00 -7.25
C LEU A 114 8.52 -11.00 -5.72
N LEU A 115 9.39 -11.77 -5.10
CA LEU A 115 9.33 -12.04 -3.66
C LEU A 115 10.71 -11.78 -3.10
N ALA A 116 10.73 -10.98 -2.03
CA ALA A 116 11.91 -10.54 -1.29
C ALA A 116 11.51 -10.47 0.17
N PRO A 117 12.49 -10.56 1.10
CA PRO A 117 12.23 -10.42 2.53
C PRO A 117 11.64 -9.05 2.83
N VAL A 118 10.72 -8.97 3.77
CA VAL A 118 10.41 -7.66 4.39
C VAL A 118 11.71 -7.19 5.03
N PRO A 119 12.17 -5.95 4.77
CA PRO A 119 13.37 -5.41 5.41
C PRO A 119 13.30 -5.27 6.94
N ALA A 120 14.44 -5.42 7.61
CA ALA A 120 14.55 -5.29 9.08
C ALA A 120 14.04 -3.91 9.54
N ASP A 121 14.31 -2.84 8.80
CA ASP A 121 13.91 -1.47 9.20
C ASP A 121 12.37 -1.34 9.14
N THR A 122 11.69 -2.00 8.18
CA THR A 122 10.20 -2.06 8.12
C THR A 122 9.69 -2.84 9.35
N LEU A 123 10.30 -3.99 9.65
CA LEU A 123 9.93 -4.78 10.87
C LEU A 123 10.11 -3.88 12.09
N ARG A 124 11.20 -3.11 12.14
CA ARG A 124 11.50 -2.32 13.37
C ARG A 124 10.41 -1.25 13.54
N GLN A 125 9.97 -0.67 12.43
CA GLN A 125 8.90 0.37 12.43
C GLN A 125 7.60 -0.26 12.92
N ARG A 126 7.30 -1.50 12.52
CA ARG A 126 6.06 -2.16 13.02
C ARG A 126 6.18 -2.29 14.54
N ALA A 127 7.34 -2.67 15.06
CA ALA A 127 7.58 -2.89 16.52
C ALA A 127 7.60 -1.57 17.30
N GLU A 128 8.29 -0.54 16.77
CA GLU A 128 8.69 0.65 17.56
C GLU A 128 7.98 1.93 17.11
N GLY A 129 7.31 1.93 15.97
CA GLY A 129 6.54 3.10 15.49
C GLY A 129 7.36 4.05 14.65
N ILE A 130 6.75 5.15 14.22
CA ILE A 130 7.30 6.03 13.16
C ILE A 130 7.03 7.51 13.42
N SER A 131 7.87 8.34 12.84
CA SER A 131 7.68 9.80 12.69
CA SER A 131 7.66 9.80 12.69
C SER A 131 7.09 10.07 11.30
N VAL A 132 6.10 10.95 11.19
CA VAL A 132 5.50 11.23 9.87
C VAL A 132 5.51 12.73 9.62
N ALA A 133 5.79 13.07 8.39
CA ALA A 133 5.72 14.44 7.84
C ALA A 133 4.41 14.55 7.07
N THR A 134 3.68 15.62 7.25
CA THR A 134 2.52 15.93 6.38
C THR A 134 3.02 16.76 5.20
N LEU A 135 2.67 16.37 3.98
CA LEU A 135 3.09 17.08 2.76
C LEU A 135 1.84 17.30 1.90
N GLY A 136 1.65 18.52 1.39
CA GLY A 136 0.49 18.79 0.53
C GLY A 136 0.70 18.17 -0.84
N LEU A 137 -0.37 17.66 -1.42
CA LEU A 137 -0.43 17.14 -2.81
C LEU A 137 -0.88 18.26 -3.75
N GLY A 138 -1.38 19.37 -3.22
CA GLY A 138 -1.84 20.52 -4.01
C GLY A 138 -3.25 20.37 -4.53
N VAL A 139 -3.93 19.26 -4.34
CA VAL A 139 -5.25 19.07 -4.98
C VAL A 139 -6.33 19.31 -3.95
N PRO A 140 -7.47 19.92 -4.32
CA PRO A 140 -8.64 19.92 -3.46
C PRO A 140 -9.08 18.49 -3.16
N ALA A 141 -9.65 18.31 -1.96
CA ALA A 141 -10.13 17.03 -1.41
C ALA A 141 -11.17 16.41 -2.36
N ASP A 142 -12.02 17.23 -3.00
CA ASP A 142 -13.14 16.77 -3.86
C ASP A 142 -12.70 16.71 -5.33
N PHE A 143 -11.44 16.99 -5.68
CA PHE A 143 -11.05 17.19 -7.10
C PHE A 143 -10.98 15.86 -7.84
N ARG A 144 -10.34 14.84 -7.28
CA ARG A 144 -9.98 13.63 -8.08
C ARG A 144 -11.24 12.87 -8.47
N ALA A 145 -12.31 12.99 -7.68
CA ALA A 145 -13.61 12.36 -7.98
C ALA A 145 -14.09 12.79 -9.37
N GLY A 146 -13.81 14.02 -9.79
CA GLY A 146 -14.19 14.54 -11.11
C GLY A 146 -13.10 14.42 -12.17
N ALA A 147 -11.97 13.76 -11.88
CA ALA A 147 -10.74 13.77 -12.71
C ALA A 147 -10.15 12.37 -12.76
N PRO A 148 -10.85 11.40 -13.41
CA PRO A 148 -10.42 10.01 -13.44
C PRO A 148 -9.00 9.83 -14.01
N TRP A 149 -8.57 10.72 -14.93
CA TRP A 149 -7.20 10.67 -15.53
C TRP A 149 -6.11 10.80 -14.44
N LEU A 150 -6.41 11.35 -13.25
CA LEU A 150 -5.41 11.42 -12.14
C LEU A 150 -5.22 10.05 -11.44
N LEU A 151 -6.01 9.04 -11.79
CA LEU A 151 -5.82 7.63 -11.34
C LEU A 151 -5.83 7.50 -9.79
N GLY A 152 -6.61 8.35 -9.11
CA GLY A 152 -6.71 8.45 -7.64
C GLY A 152 -6.90 7.11 -6.92
N GLY A 153 -7.82 6.26 -7.38
CA GLY A 153 -8.09 4.97 -6.70
C GLY A 153 -7.30 3.78 -7.26
N ALA A 154 -6.23 4.03 -8.04
CA ALA A 154 -5.42 2.97 -8.69
C ALA A 154 -4.04 2.92 -8.05
N LYS A 155 -3.46 1.72 -7.93
CA LYS A 155 -2.09 1.52 -7.42
C LYS A 155 -1.18 1.23 -8.61
N THR A 156 -0.36 2.20 -9.02
CA THR A 156 0.34 2.16 -10.33
C THR A 156 1.83 1.95 -10.13
N LEU A 157 2.52 1.65 -11.22
CA LEU A 157 3.99 1.53 -11.28
C LEU A 157 4.60 2.94 -11.33
N SER A 158 3.80 3.99 -11.29
CA SER A 158 4.23 5.41 -11.44
C SER A 158 4.33 6.08 -10.08
N TYR A 159 5.34 5.73 -9.29
CA TYR A 159 5.40 6.13 -7.86
C TYR A 159 6.57 7.11 -7.62
N ALA A 160 7.03 7.80 -8.67
CA ALA A 160 8.20 8.70 -8.55
C ALA A 160 7.89 9.77 -7.50
N VAL A 161 6.69 10.31 -7.52
CA VAL A 161 6.33 11.38 -6.55
C VAL A 161 6.30 10.80 -5.13
N ASN A 162 5.66 9.64 -5.00
CA ASN A 162 5.51 8.87 -3.74
CA ASN A 162 5.52 8.93 -3.70
C ASN A 162 6.90 8.70 -3.11
N MET A 163 7.85 8.24 -3.90
CA MET A 163 9.25 8.04 -3.46
C MET A 163 9.93 9.37 -3.13
N ALA A 164 9.74 10.42 -3.92
CA ALA A 164 10.37 11.75 -3.68
C ALA A 164 9.77 12.36 -2.40
N ALA A 165 8.49 12.13 -2.14
CA ALA A 165 7.84 12.59 -0.89
C ALA A 165 8.54 11.92 0.30
N GLN A 166 8.76 10.63 0.19
CA GLN A 166 9.43 9.88 1.29
C GLN A 166 10.87 10.38 1.47
N ARG A 167 11.58 10.64 0.39
CA ARG A 167 12.97 11.15 0.52
C ARG A 167 12.93 12.52 1.18
N HIS A 168 11.99 13.36 0.80
CA HIS A 168 11.84 14.72 1.35
C HIS A 168 11.64 14.61 2.86
N ALA A 169 10.73 13.72 3.27
CA ALA A 169 10.46 13.39 4.70
C ALA A 169 11.73 12.88 5.42
N HIS A 170 12.48 11.93 4.85
CA HIS A 170 13.74 11.40 5.45
CA HIS A 170 13.76 11.41 5.45
C HIS A 170 14.70 12.59 5.67
N ASP A 171 14.81 13.48 4.69
CA ASP A 171 15.70 14.67 4.79
C ASP A 171 15.32 15.51 6.01
N LEU A 172 14.03 15.60 6.36
CA LEU A 172 13.50 16.39 7.51
C LEU A 172 13.75 15.64 8.82
N GLY A 173 14.12 14.37 8.74
CA GLY A 173 14.23 13.52 9.93
C GLY A 173 13.00 12.66 10.16
N ALA A 174 12.03 12.53 9.24
CA ALA A 174 10.84 11.67 9.47
C ALA A 174 10.93 10.36 8.69
N ASP A 175 10.13 9.38 9.10
CA ASP A 175 10.15 8.00 8.54
C ASP A 175 9.15 7.92 7.38
N ASP A 176 8.10 8.72 7.37
CA ASP A 176 7.00 8.49 6.39
C ASP A 176 6.15 9.75 6.26
N VAL A 177 5.15 9.65 5.41
CA VAL A 177 4.43 10.83 4.89
C VAL A 177 2.94 10.55 5.04
N VAL A 178 2.21 11.57 5.42
CA VAL A 178 0.76 11.67 5.14
C VAL A 178 0.50 12.84 4.20
N PHE A 179 -0.14 12.56 3.07
CA PHE A 179 -0.50 13.65 2.12
C PHE A 179 -1.73 14.40 2.65
N THR A 180 -1.78 15.70 2.34
CA THR A 180 -2.92 16.59 2.64
C THR A 180 -3.41 17.29 1.38
N SER A 181 -4.71 17.45 1.28
CA SER A 181 -5.37 18.29 0.26
C SER A 181 -5.01 19.76 0.46
N LEU A 182 -5.48 20.61 -0.45
CA LEU A 182 -5.17 22.05 -0.50
C LEU A 182 -5.66 22.73 0.79
N GLU A 183 -6.84 22.34 1.26
CA GLU A 183 -7.58 22.89 2.42
C GLU A 183 -7.07 22.21 3.70
N GLY A 184 -6.15 21.24 3.61
CA GLY A 184 -5.49 20.62 4.79
C GLY A 184 -6.15 19.33 5.25
N ARG A 185 -7.05 18.77 4.44
CA ARG A 185 -7.70 17.46 4.72
C ARG A 185 -6.68 16.34 4.58
N LEU A 186 -6.73 15.37 5.46
CA LEU A 186 -5.92 14.15 5.33
C LEU A 186 -6.36 13.39 4.09
N LEU A 187 -5.39 12.87 3.36
N LEU A 187 -5.39 12.99 3.29
CA LEU A 187 -5.61 11.91 2.26
CA LEU A 187 -5.60 12.12 2.11
C LEU A 187 -5.10 10.54 2.68
C LEU A 187 -4.85 10.82 2.37
N GLU A 188 -3.80 10.29 2.52
N GLU A 188 -4.58 10.07 1.29
CA GLU A 188 -3.20 8.98 2.85
CA GLU A 188 -3.74 8.85 1.34
C GLU A 188 -1.69 9.04 2.70
C GLU A 188 -2.30 9.23 1.72
N GLY A 189 -1.03 7.91 2.96
N GLY A 189 -1.63 8.34 2.48
CA GLY A 189 0.41 7.76 2.77
CA GLY A 189 -0.17 8.32 2.55
C GLY A 189 0.71 7.49 1.29
C GLY A 189 0.39 7.72 1.27
N PRO A 190 1.89 7.92 0.81
N PRO A 190 1.71 7.80 1.03
CA PRO A 190 2.46 7.30 -0.39
CA PRO A 190 2.28 7.36 -0.24
C PRO A 190 2.23 5.78 -0.40
C PRO A 190 2.30 5.83 -0.38
N THR A 191 2.31 5.11 0.75
CA THR A 191 2.26 3.62 0.81
C THR A 191 1.41 3.11 1.98
N SER A 192 0.53 3.94 2.57
CA SER A 192 -0.25 3.57 3.77
C SER A 192 -1.55 4.37 3.89
N THR A 193 -2.44 3.87 4.75
CA THR A 193 -3.73 4.49 5.13
C THR A 193 -3.62 5.02 6.56
N VAL A 194 -4.01 6.26 6.78
CA VAL A 194 -3.96 6.82 8.15
C VAL A 194 -5.22 6.37 8.89
N VAL A 195 -5.05 5.98 10.15
CA VAL A 195 -6.21 5.78 11.06
C VAL A 195 -5.88 6.48 12.37
N TRP A 196 -6.89 7.00 13.05
CA TRP A 196 -6.64 7.64 14.36
C TRP A 196 -7.83 7.34 15.27
N ALA A 197 -7.57 7.34 16.58
CA ALA A 197 -8.56 7.10 17.63
C ALA A 197 -8.89 8.43 18.30
N ALA A 198 -10.17 8.74 18.39
CA ALA A 198 -10.66 9.97 19.04
C ALA A 198 -12.09 9.75 19.50
N GLY A 199 -12.39 10.15 20.74
CA GLY A 199 -13.77 10.14 21.29
C GLY A 199 -14.35 8.74 21.25
N GLY A 200 -13.50 7.74 21.49
CA GLY A 200 -13.89 6.32 21.58
C GLY A 200 -14.12 5.71 20.20
N THR A 201 -13.86 6.45 19.12
CA THR A 201 -14.08 5.96 17.73
C THR A 201 -12.74 5.81 16.99
N LEU A 202 -12.67 4.87 16.06
CA LEU A 202 -11.58 4.73 15.06
C LEU A 202 -12.03 5.45 13.78
N HIS A 203 -11.21 6.40 13.35
CA HIS A 203 -11.45 7.27 12.20
C HIS A 203 -10.48 6.92 11.06
N THR A 204 -10.95 7.05 9.83
CA THR A 204 -10.09 7.06 8.63
C THR A 204 -10.66 8.08 7.64
N PRO A 205 -9.82 8.70 6.79
CA PRO A 205 -10.32 9.70 5.86
C PRO A 205 -11.20 9.06 4.78
N PRO A 206 -12.13 9.84 4.19
CA PRO A 206 -12.91 9.31 3.07
C PRO A 206 -11.99 9.12 1.87
N VAL A 207 -12.32 8.15 1.01
CA VAL A 207 -11.58 7.83 -0.24
C VAL A 207 -12.41 8.29 -1.46
N GLU A 208 -13.59 8.89 -1.25
CA GLU A 208 -14.26 9.69 -2.31
C GLU A 208 -13.29 10.81 -2.72
N THR A 209 -12.31 11.13 -1.84
CA THR A 209 -11.21 12.11 -2.07
C THR A 209 -10.20 11.59 -3.11
N GLY A 210 -10.37 10.36 -3.59
CA GLY A 210 -9.56 9.73 -4.64
C GLY A 210 -8.30 9.09 -4.10
N ILE A 211 -8.36 8.47 -2.92
CA ILE A 211 -7.22 7.68 -2.37
C ILE A 211 -7.55 6.19 -2.49
N LEU A 212 -6.66 5.32 -2.02
CA LEU A 212 -6.75 3.86 -2.31
C LEU A 212 -7.51 3.13 -1.19
N PRO A 213 -8.56 2.32 -1.49
CA PRO A 213 -9.25 1.52 -0.45
C PRO A 213 -8.33 0.47 0.22
N GLY A 214 -7.61 0.89 1.27
CA GLY A 214 -6.60 0.08 2.00
C GLY A 214 -7.19 -1.18 2.62
N THR A 215 -6.52 -2.32 2.48
CA THR A 215 -7.07 -3.65 2.86
C THR A 215 -6.81 -3.94 4.34
N THR A 216 -5.62 -3.60 4.86
CA THR A 216 -5.33 -3.64 6.31
C THR A 216 -6.38 -2.80 7.03
N GLN A 217 -6.68 -1.60 6.55
CA GLN A 217 -7.66 -0.70 7.21
C GLN A 217 -9.05 -1.36 7.21
N ALA A 218 -9.48 -1.93 6.09
CA ALA A 218 -10.83 -2.53 5.95
C ALA A 218 -10.98 -3.66 6.98
N ARG A 219 -9.91 -4.44 7.13
CA ARG A 219 -9.84 -5.63 8.01
C ARG A 219 -9.91 -5.11 9.45
N LEU A 220 -9.21 -4.02 9.75
CA LEU A 220 -9.29 -3.48 11.13
C LEU A 220 -10.73 -3.03 11.39
N PHE A 221 -11.33 -2.25 10.49
CA PHE A 221 -12.66 -1.64 10.73
C PHE A 221 -13.73 -2.74 10.88
N THR A 222 -13.60 -3.83 10.11
CA THR A 222 -14.50 -4.99 10.19
C THR A 222 -14.39 -5.66 11.57
N ALA A 223 -13.17 -5.99 12.02
CA ALA A 223 -12.92 -6.60 13.35
C ALA A 223 -13.34 -5.63 14.48
N ALA A 224 -13.07 -4.33 14.34
CA ALA A 224 -13.42 -3.32 15.36
C ALA A 224 -14.94 -3.31 15.56
N ALA A 225 -15.65 -3.16 14.45
CA ALA A 225 -17.11 -3.26 14.38
C ALA A 225 -17.58 -4.46 15.20
N ALA A 226 -17.02 -5.65 14.93
CA ALA A 226 -17.46 -6.92 15.53
C ALA A 226 -17.17 -6.91 17.04
N ASP A 227 -16.15 -6.17 17.46
CA ASP A 227 -15.73 -6.11 18.88
C ASP A 227 -16.43 -4.94 19.61
N GLY A 228 -17.32 -4.19 18.95
CA GLY A 228 -18.02 -3.03 19.53
C GLY A 228 -17.14 -1.81 19.73
N TRP A 229 -16.12 -1.60 18.88
CA TRP A 229 -15.33 -0.35 18.74
C TRP A 229 -15.92 0.45 17.58
N PRO A 230 -16.67 1.53 17.84
CA PRO A 230 -17.23 2.34 16.77
C PRO A 230 -16.17 2.78 15.76
N THR A 231 -16.56 2.79 14.49
CA THR A 231 -15.73 3.25 13.38
C THR A 231 -16.44 4.37 12.63
N SER A 232 -15.66 5.22 11.99
CA SER A 232 -16.19 6.36 11.21
C SER A 232 -15.22 6.72 10.07
N VAL A 233 -15.80 7.08 8.94
CA VAL A 233 -15.08 7.79 7.85
C VAL A 233 -15.21 9.26 8.20
N THR A 234 -14.10 9.96 8.41
CA THR A 234 -14.05 11.30 9.03
C THR A 234 -13.16 12.19 8.17
N PRO A 235 -13.65 13.39 7.74
CA PRO A 235 -12.88 14.27 6.87
C PRO A 235 -11.88 15.09 7.71
N GLY A 236 -10.95 14.37 8.33
CA GLY A 236 -10.02 14.90 9.33
C GLY A 236 -8.96 15.76 8.71
N THR A 237 -8.29 16.56 9.54
CA THR A 237 -7.13 17.38 9.16
C THR A 237 -5.95 17.01 10.04
N VAL A 238 -4.84 17.73 9.88
CA VAL A 238 -3.61 17.48 10.68
C VAL A 238 -3.93 17.81 12.13
N ASP A 239 -4.81 18.78 12.37
CA ASP A 239 -5.32 19.11 13.73
C ASP A 239 -5.82 17.82 14.39
N ASP A 240 -6.59 17.04 13.64
CA ASP A 240 -7.17 15.77 14.15
C ASP A 240 -6.06 14.79 14.56
N LEU A 241 -4.99 14.69 13.79
CA LEU A 241 -3.82 13.83 14.13
C LEU A 241 -3.14 14.33 15.42
N HIS A 242 -3.04 15.63 15.65
CA HIS A 242 -2.36 16.14 16.88
C HIS A 242 -3.23 15.84 18.09
N ALA A 243 -4.54 16.08 17.97
CA ALA A 243 -5.58 15.98 19.02
C ALA A 243 -5.96 14.53 19.32
N ALA A 244 -5.61 13.57 18.45
CA ALA A 244 -6.03 12.15 18.60
C ALA A 244 -5.54 11.56 19.92
N ASP A 245 -6.18 10.47 20.33
CA ASP A 245 -5.70 9.59 21.43
C ASP A 245 -4.57 8.70 20.87
N ALA A 246 -4.63 8.39 19.59
CA ALA A 246 -3.60 7.55 18.93
C ALA A 246 -3.71 7.72 17.43
N VAL A 247 -2.60 7.53 16.74
CA VAL A 247 -2.54 7.57 15.26
C VAL A 247 -1.71 6.39 14.79
N TRP A 248 -2.12 5.75 13.67
CA TRP A 248 -1.39 4.66 13.00
C TRP A 248 -1.35 4.87 11.49
N LEU A 249 -0.29 4.41 10.87
CA LEU A 249 -0.30 4.16 9.41
C LEU A 249 -0.52 2.67 9.20
N LEU A 250 -1.48 2.32 8.35
CA LEU A 250 -1.79 0.90 8.06
C LEU A 250 -1.35 0.61 6.63
N SER A 251 -0.71 -0.54 6.41
CA SER A 251 -0.31 -1.02 5.06
C SER A 251 -0.22 -2.56 5.07
N GLY A 252 -0.21 -3.17 3.89
CA GLY A 252 -0.20 -4.64 3.79
C GLY A 252 1.13 -5.21 4.25
N VAL A 253 2.24 -4.53 4.00
CA VAL A 253 3.59 -5.12 4.27
C VAL A 253 4.02 -4.68 5.68
N ARG A 254 4.04 -3.39 5.99
CA ARG A 254 4.49 -2.95 7.34
C ARG A 254 3.43 -3.35 8.38
N GLY A 255 2.15 -3.40 8.02
CA GLY A 255 1.06 -3.65 8.97
C GLY A 255 0.67 -2.38 9.68
N ALA A 256 0.60 -2.41 11.00
CA ALA A 256 0.16 -1.21 11.74
C ALA A 256 1.41 -0.63 12.39
N ALA A 257 1.70 0.63 12.04
CA ALA A 257 2.84 1.37 12.59
C ALA A 257 2.26 2.51 13.42
N VAL A 258 2.52 2.50 14.72
CA VAL A 258 2.04 3.66 15.50
C VAL A 258 2.86 4.90 15.14
N VAL A 259 2.17 6.01 15.09
CA VAL A 259 2.76 7.31 14.68
C VAL A 259 3.04 8.06 15.95
N HIS A 260 4.29 8.13 16.36
CA HIS A 260 4.65 8.71 17.68
C HIS A 260 5.05 10.17 17.49
N THR A 261 5.18 10.62 16.25
CA THR A 261 5.60 12.01 15.97
C THR A 261 4.89 12.45 14.71
N VAL A 262 4.21 13.59 14.78
CA VAL A 262 3.55 14.25 13.62
C VAL A 262 4.19 15.62 13.41
N ASP A 263 4.95 15.83 12.31
CA ASP A 263 5.56 17.14 11.99
C ASP A 263 6.42 17.61 13.18
N GLY A 264 7.13 16.67 13.80
CA GLY A 264 8.06 16.96 14.91
C GLY A 264 7.34 17.18 16.21
N VAL A 265 6.04 16.94 16.27
CA VAL A 265 5.26 16.98 17.53
C VAL A 265 5.06 15.57 18.05
N ARG A 266 5.72 15.25 19.15
CA ARG A 266 5.66 13.90 19.77
C ARG A 266 4.28 13.64 20.38
N ARG A 267 3.79 12.41 20.23
CA ARG A 267 2.47 12.00 20.76
C ARG A 267 2.53 10.56 21.29
N GLY A 268 1.64 10.29 22.25
CA GLY A 268 1.42 8.94 22.80
C GLY A 268 0.28 8.24 22.07
N ASP A 269 -0.06 7.02 22.48
CA ASP A 269 -1.08 6.22 21.75
C ASP A 269 -2.23 5.86 22.70
N GLY A 270 -2.23 6.44 23.91
CA GLY A 270 -3.17 6.13 24.99
C GLY A 270 -3.31 4.63 25.25
N ASP A 271 -2.24 3.85 25.05
CA ASP A 271 -2.26 2.36 25.10
C ASP A 271 -3.42 1.79 24.26
N LEU A 272 -3.72 2.33 23.07
CA LEU A 272 -4.79 1.83 22.17
C LEU A 272 -4.19 0.85 21.13
N SER A 273 -2.87 0.72 21.03
CA SER A 273 -2.21 -0.01 19.93
C SER A 273 -2.48 -1.50 20.14
N ARG A 274 -2.49 -1.94 21.39
CA ARG A 274 -2.65 -3.39 21.65
C ARG A 274 -3.97 -3.89 21.07
N ARG A 275 -5.09 -3.21 21.31
CA ARG A 275 -6.39 -3.71 20.79
C ARG A 275 -6.39 -3.67 19.25
N VAL A 276 -5.84 -2.62 18.63
CA VAL A 276 -5.68 -2.60 17.15
C VAL A 276 -4.91 -3.85 16.68
N ARG A 277 -3.81 -4.20 17.35
CA ARG A 277 -2.96 -5.32 16.90
C ARG A 277 -3.71 -6.64 17.12
N GLU A 278 -4.43 -6.78 18.23
CA GLU A 278 -5.25 -7.98 18.51
C GLU A 278 -6.30 -8.12 17.41
N LEU A 279 -6.93 -7.02 16.99
CA LEU A 279 -8.04 -7.10 16.02
C LEU A 279 -7.51 -7.49 14.65
N LEU A 280 -6.32 -6.99 14.31
CA LEU A 280 -5.68 -7.23 12.99
C LEU A 280 -5.15 -8.66 12.97
N ALA A 281 -4.95 -9.28 14.14
CA ALA A 281 -4.36 -10.63 14.21
C ALA A 281 -5.48 -11.65 13.97
#